data_6YJ8
#
_entry.id   6YJ8
#
_cell.length_a   38.670
_cell.length_b   67.760
_cell.length_c   103.960
_cell.angle_alpha   90.000
_cell.angle_beta   90.000
_cell.angle_gamma   90.000
#
_symmetry.space_group_name_H-M   'P 21 21 21'
#
loop_
_entity.id
_entity.type
_entity.pdbx_description
1 polymer 'CBS domain-containing protein YkuL'
2 non-polymer 'ACETATE ION'
3 non-polymer DI(HYDROXYETHYL)ETHER
4 water water
#
_entity_poly.entity_id   1
_entity_poly.type   'polypeptide(L)'
_entity_poly.pdbx_seq_one_letter_code
;MISLQSDQLLEATVGQFMIEADKVAHVQVGNNLEHALLVLTKTGYTAIPVLDPSYRLHGLIGTNMIMNSIFGLERIEFEK
LDQITVEEVMLTDIPRLHINDPIMKGFGMVINNGFVCVENDEQVFEGIFTRRVVLKELNKHIRSLNK
;
_entity_poly.pdbx_strand_id   A,B
#
loop_
_chem_comp.id
_chem_comp.type
_chem_comp.name
_chem_comp.formula
ACT non-polymer 'ACETATE ION' 'C2 H3 O2 -1'
PEG non-polymer DI(HYDROXYETHYL)ETHER 'C4 H10 O3'
#
# COMPACT_ATOMS: atom_id res chain seq x y z
N SER A 3 -21.66 -5.36 -13.73
CA SER A 3 -22.09 -4.78 -15.00
C SER A 3 -21.60 -5.63 -16.17
N LEU A 4 -20.47 -6.30 -15.98
CA LEU A 4 -19.90 -7.18 -16.98
C LEU A 4 -19.91 -8.62 -16.47
N GLN A 5 -20.30 -9.55 -17.34
CA GLN A 5 -20.26 -10.95 -16.98
C GLN A 5 -18.83 -11.47 -17.16
N SER A 6 -18.60 -12.70 -16.68
CA SER A 6 -17.24 -13.25 -16.67
C SER A 6 -16.65 -13.32 -18.06
N ASP A 7 -17.45 -13.71 -19.05
CA ASP A 7 -16.99 -13.84 -20.42
C ASP A 7 -16.72 -12.51 -21.08
N GLN A 8 -16.97 -11.40 -20.40
CA GLN A 8 -16.65 -10.08 -20.91
C GLN A 8 -15.43 -9.45 -20.25
N LEU A 9 -14.99 -10.00 -19.11
CA LEU A 9 -13.95 -9.34 -18.32
C LEU A 9 -12.67 -9.20 -19.11
N LEU A 10 -12.21 -10.29 -19.73
CA LEU A 10 -10.88 -10.30 -20.30
C LEU A 10 -10.76 -9.48 -21.57
N GLU A 11 -11.87 -8.96 -22.11
CA GLU A 11 -11.84 -8.11 -23.29
C GLU A 11 -12.12 -6.65 -22.95
N ALA A 12 -12.23 -6.31 -21.67
CA ALA A 12 -12.48 -4.94 -21.25
C ALA A 12 -11.19 -4.12 -21.32
N THR A 13 -11.33 -2.81 -21.13
CA THR A 13 -10.20 -1.91 -21.10
C THR A 13 -9.92 -1.48 -19.67
N VAL A 14 -8.72 -0.92 -19.48
CA VAL A 14 -8.35 -0.38 -18.17
C VAL A 14 -9.34 0.69 -17.73
N GLY A 15 -9.77 1.54 -18.66
CA GLY A 15 -10.62 2.67 -18.29
C GLY A 15 -11.96 2.26 -17.72
N GLN A 16 -12.48 1.11 -18.13
CA GLN A 16 -13.78 0.66 -17.66
C GLN A 16 -13.76 0.17 -16.22
N PHE A 17 -12.58 0.02 -15.62
CA PHE A 17 -12.46 -0.40 -14.22
C PHE A 17 -11.61 0.52 -13.38
N MET A 18 -11.09 1.59 -13.95
CA MET A 18 -10.30 2.50 -13.14
C MET A 18 -11.20 3.31 -12.21
N ILE A 19 -10.61 3.79 -11.12
CA ILE A 19 -11.26 4.77 -10.27
C ILE A 19 -11.02 6.15 -10.89
N GLU A 20 -12.09 6.89 -11.18
CA GLU A 20 -11.99 8.13 -11.93
C GLU A 20 -11.17 9.19 -11.16
N ALA A 21 -10.53 10.07 -11.92
CA ALA A 21 -9.59 11.02 -11.34
C ALA A 21 -10.25 11.96 -10.34
N ASP A 22 -11.51 12.36 -10.59
N ASP A 22 -11.50 12.36 -10.60
CA ASP A 22 -12.19 13.28 -9.70
CA ASP A 22 -12.21 13.27 -9.70
C ASP A 22 -12.53 12.66 -8.35
C ASP A 22 -12.38 12.69 -8.31
N LYS A 23 -12.24 11.38 -8.14
CA LYS A 23 -12.39 10.74 -6.86
C LYS A 23 -11.04 10.43 -6.20
N VAL A 24 -9.95 10.92 -6.78
CA VAL A 24 -8.59 10.63 -6.31
C VAL A 24 -7.92 11.95 -5.97
N ALA A 25 -7.48 12.07 -4.71
CA ALA A 25 -6.67 13.22 -4.35
C ALA A 25 -5.31 13.14 -5.05
N HIS A 26 -4.77 14.30 -5.41
CA HIS A 26 -3.47 14.34 -6.05
C HIS A 26 -2.71 15.55 -5.51
N VAL A 27 -1.43 15.63 -5.84
CA VAL A 27 -0.62 16.80 -5.54
C VAL A 27 0.08 17.24 -6.81
N GLN A 28 0.81 18.35 -6.71
CA GLN A 28 1.47 18.99 -7.84
C GLN A 28 2.98 18.85 -7.73
N VAL A 29 3.65 18.78 -8.89
CA VAL A 29 5.11 18.65 -8.91
C VAL A 29 5.79 19.73 -8.07
N GLY A 30 5.23 20.92 -8.05
CA GLY A 30 5.80 22.04 -7.34
C GLY A 30 5.44 22.21 -5.88
N ASN A 31 4.52 21.39 -5.36
CA ASN A 31 4.19 21.43 -3.95
C ASN A 31 5.37 20.98 -3.09
N ASN A 32 5.39 21.41 -1.83
CA ASN A 32 6.43 20.96 -0.92
C ASN A 32 6.00 19.64 -0.27
N LEU A 33 6.94 18.99 0.40
CA LEU A 33 6.66 17.66 0.95
C LEU A 33 5.65 17.72 2.10
N GLU A 34 5.61 18.84 2.82
CA GLU A 34 4.67 18.93 3.93
C GLU A 34 3.24 18.84 3.42
N HIS A 35 2.94 19.49 2.29
CA HIS A 35 1.60 19.41 1.73
C HIS A 35 1.29 17.99 1.30
N ALA A 36 2.22 17.34 0.60
CA ALA A 36 2.03 15.95 0.19
C ALA A 36 1.80 15.04 1.39
N LEU A 37 2.60 15.22 2.45
CA LEU A 37 2.44 14.40 3.64
C LEU A 37 1.07 14.60 4.27
N LEU A 38 0.58 15.84 4.27
CA LEU A 38 -0.73 16.10 4.87
C LEU A 38 -1.84 15.43 4.06
N VAL A 39 -1.76 15.52 2.74
CA VAL A 39 -2.76 14.87 1.89
C VAL A 39 -2.69 13.36 2.01
N LEU A 40 -1.48 12.80 1.99
CA LEU A 40 -1.32 11.36 2.22
C LEU A 40 -1.90 10.94 3.57
N THR A 41 -1.57 11.68 4.63
CA THR A 41 -2.02 11.30 5.97
C THR A 41 -3.54 11.48 6.11
N LYS A 42 -4.08 12.59 5.61
CA LYS A 42 -5.51 12.85 5.74
C LYS A 42 -6.34 11.84 4.95
N THR A 43 -5.98 11.63 3.68
CA THR A 43 -6.72 10.71 2.83
C THR A 43 -6.39 9.26 3.13
N GLY A 44 -5.23 8.99 3.73
CA GLY A 44 -4.87 7.63 4.09
C GLY A 44 -4.47 6.74 2.94
N TYR A 45 -3.89 7.31 1.89
CA TYR A 45 -3.48 6.53 0.75
C TYR A 45 -2.02 6.10 0.89
N THR A 46 -1.67 4.98 0.23
CA THR A 46 -0.29 4.52 0.26
C THR A 46 0.60 5.37 -0.63
N ALA A 47 0.06 5.86 -1.76
CA ALA A 47 0.77 6.80 -2.61
C ALA A 47 -0.28 7.67 -3.28
N ILE A 48 0.18 8.76 -3.89
CA ILE A 48 -0.77 9.73 -4.43
C ILE A 48 -0.23 10.21 -5.77
N PRO A 49 -1.07 10.42 -6.79
CA PRO A 49 -0.56 10.92 -8.08
C PRO A 49 0.06 12.31 -7.94
N VAL A 50 1.06 12.56 -8.78
CA VAL A 50 1.70 13.87 -8.86
C VAL A 50 1.50 14.37 -10.28
N LEU A 51 0.83 15.52 -10.42
CA LEU A 51 0.51 16.10 -11.70
C LEU A 51 1.25 17.43 -11.84
N ASP A 52 1.26 17.97 -13.05
CA ASP A 52 1.72 19.32 -13.28
C ASP A 52 0.50 20.25 -13.34
N PRO A 53 0.68 21.56 -13.52
CA PRO A 53 -0.49 22.46 -13.60
C PRO A 53 -1.44 22.19 -14.76
N SER A 54 -1.00 21.52 -15.81
CA SER A 54 -1.87 21.16 -16.93
C SER A 54 -2.63 19.85 -16.69
N TYR A 55 -2.60 19.35 -15.46
CA TYR A 55 -3.29 18.11 -15.06
C TYR A 55 -2.68 16.87 -15.71
N ARG A 56 -1.42 16.93 -16.10
CA ARG A 56 -0.72 15.84 -16.73
C ARG A 56 0.16 15.09 -15.73
N LEU A 57 0.28 13.78 -15.93
CA LEU A 57 0.84 12.87 -14.93
C LEU A 57 2.36 12.81 -14.98
N HIS A 58 3.01 13.05 -13.84
CA HIS A 58 4.46 13.00 -13.76
C HIS A 58 4.99 11.89 -12.85
N GLY A 59 4.25 11.47 -11.85
CA GLY A 59 4.79 10.48 -10.94
C GLY A 59 3.86 10.16 -9.80
N LEU A 60 4.44 9.50 -8.80
CA LEU A 60 3.75 9.04 -7.61
C LEU A 60 4.62 9.37 -6.40
N ILE A 61 4.00 9.77 -5.30
CA ILE A 61 4.74 10.02 -4.08
C ILE A 61 4.06 9.32 -2.93
N GLY A 62 4.86 8.73 -2.04
CA GLY A 62 4.34 8.07 -0.87
C GLY A 62 5.10 8.50 0.37
N THR A 63 4.52 8.17 1.53
CA THR A 63 5.09 8.63 2.79
C THR A 63 6.51 8.09 3.00
N ASN A 64 6.79 6.87 2.52
CA ASN A 64 8.13 6.32 2.71
C ASN A 64 9.17 7.13 1.95
N MET A 65 8.84 7.60 0.74
CA MET A 65 9.75 8.47 0.01
C MET A 65 10.00 9.76 0.78
N ILE A 66 8.94 10.34 1.34
CA ILE A 66 9.08 11.58 2.10
C ILE A 66 9.92 11.37 3.34
N MET A 67 9.63 10.31 4.10
CA MET A 67 10.40 10.06 5.31
C MET A 67 11.85 9.76 5.00
N ASN A 68 12.12 9.07 3.88
CA ASN A 68 13.51 8.77 3.52
C ASN A 68 14.32 10.04 3.32
N SER A 69 13.68 11.12 2.88
CA SER A 69 14.41 12.35 2.61
C SER A 69 14.62 13.19 3.85
N ILE A 70 13.87 12.97 4.93
CA ILE A 70 14.01 13.77 6.14
C ILE A 70 14.52 12.98 7.34
N PHE A 71 14.67 11.66 7.24
CA PHE A 71 15.38 10.93 8.29
C PHE A 71 16.84 11.31 8.22
N GLY A 72 17.28 12.18 9.14
CA GLY A 72 18.63 12.69 9.14
C GLY A 72 19.56 11.90 10.03
N LEU A 73 20.74 12.49 10.26
CA LEU A 73 21.80 11.81 10.98
C LEU A 73 21.40 11.55 12.43
N GLU A 74 21.00 12.60 13.14
CA GLU A 74 20.74 12.53 14.57
C GLU A 74 19.31 12.87 14.92
N ARG A 75 18.50 13.24 13.94
CA ARG A 75 17.14 13.70 14.18
C ARG A 75 16.36 13.61 12.89
N ILE A 76 15.05 13.67 13.01
CA ILE A 76 14.17 13.85 11.85
C ILE A 76 14.24 15.32 11.44
N GLU A 77 14.66 15.58 10.21
CA GLU A 77 14.87 16.96 9.75
C GLU A 77 13.60 17.51 9.11
N PHE A 78 12.59 17.72 9.97
CA PHE A 78 11.28 18.12 9.49
C PHE A 78 11.31 19.44 8.74
N GLU A 79 12.32 20.29 8.96
CA GLU A 79 12.38 21.56 8.25
C GLU A 79 12.48 21.35 6.75
N LYS A 80 13.06 20.23 6.32
CA LYS A 80 13.18 19.93 4.91
C LYS A 80 11.83 19.72 4.22
N LEU A 81 10.77 19.41 4.98
CA LEU A 81 9.44 19.30 4.37
C LEU A 81 9.03 20.57 3.64
N ASP A 82 9.50 21.73 4.12
CA ASP A 82 9.20 23.01 3.50
C ASP A 82 10.26 23.44 2.49
N GLN A 83 11.33 22.67 2.35
CA GLN A 83 12.44 23.03 1.48
C GLN A 83 12.54 22.17 0.24
N ILE A 84 11.97 20.97 0.26
CA ILE A 84 12.05 20.02 -0.84
C ILE A 84 10.68 19.95 -1.51
N THR A 85 10.67 19.90 -2.85
CA THR A 85 9.42 19.76 -3.58
C THR A 85 9.15 18.30 -3.94
N VAL A 86 7.88 17.99 -4.20
CA VAL A 86 7.53 16.60 -4.44
C VAL A 86 8.25 16.07 -5.67
N GLU A 87 8.51 16.92 -6.66
N GLU A 87 8.52 16.92 -6.66
CA GLU A 87 9.21 16.50 -7.87
CA GLU A 87 9.20 16.47 -7.87
C GLU A 87 10.60 15.96 -7.56
C GLU A 87 10.61 15.97 -7.57
N GLU A 88 11.25 16.47 -6.52
CA GLU A 88 12.58 16.00 -6.16
C GLU A 88 12.57 14.61 -5.56
N VAL A 89 11.42 14.13 -5.09
CA VAL A 89 11.33 12.92 -4.29
C VAL A 89 10.41 11.86 -4.90
N MET A 90 9.54 12.23 -5.83
CA MET A 90 8.54 11.30 -6.32
C MET A 90 9.18 10.18 -7.15
N LEU A 91 8.45 9.09 -7.25
CA LEU A 91 8.82 7.98 -8.12
C LEU A 91 8.38 8.29 -9.54
N THR A 92 9.31 8.19 -10.49
CA THR A 92 8.97 8.46 -11.87
C THR A 92 9.13 7.25 -12.78
N ASP A 93 9.66 6.14 -12.28
CA ASP A 93 9.96 4.96 -13.08
C ASP A 93 8.83 3.95 -13.08
N ILE A 94 7.61 4.41 -13.24
CA ILE A 94 6.44 3.56 -13.38
C ILE A 94 6.05 3.53 -14.86
N PRO A 95 5.76 2.38 -15.44
CA PRO A 95 5.29 2.37 -16.82
C PRO A 95 3.96 3.11 -16.93
N ARG A 96 3.76 3.73 -18.09
CA ARG A 96 2.53 4.49 -18.31
C ARG A 96 1.40 3.59 -18.77
N LEU A 97 0.20 3.85 -18.26
CA LEU A 97 -0.99 3.04 -18.53
C LEU A 97 -2.09 3.95 -19.06
N HIS A 98 -2.77 3.52 -20.13
CA HIS A 98 -3.71 4.36 -20.85
C HIS A 98 -5.14 3.82 -20.72
N ILE A 99 -6.10 4.73 -20.87
CA ILE A 99 -7.50 4.40 -20.60
C ILE A 99 -8.00 3.31 -21.53
N ASN A 100 -7.50 3.27 -22.77
CA ASN A 100 -7.96 2.30 -23.76
C ASN A 100 -7.08 1.05 -23.81
N ASP A 101 -6.12 0.90 -22.90
CA ASP A 101 -5.30 -0.30 -22.88
C ASP A 101 -6.13 -1.50 -22.44
N PRO A 102 -5.85 -2.68 -22.99
CA PRO A 102 -6.57 -3.88 -22.54
C PRO A 102 -6.35 -4.13 -21.06
N ILE A 103 -7.37 -4.69 -20.42
CA ILE A 103 -7.37 -4.84 -18.96
C ILE A 103 -6.19 -5.69 -18.49
N MET A 104 -5.74 -6.65 -19.30
CA MET A 104 -4.62 -7.49 -18.89
C MET A 104 -3.34 -6.70 -18.74
N LYS A 105 -3.18 -5.64 -19.53
CA LYS A 105 -2.01 -4.77 -19.34
C LYS A 105 -2.04 -4.16 -17.94
N GLY A 106 -3.19 -3.63 -17.53
CA GLY A 106 -3.32 -3.20 -16.15
C GLY A 106 -3.09 -4.34 -15.17
N PHE A 107 -3.66 -5.51 -15.47
CA PHE A 107 -3.52 -6.65 -14.57
C PHE A 107 -2.06 -7.01 -14.33
N GLY A 108 -1.24 -6.99 -15.38
CA GLY A 108 0.16 -7.31 -15.21
C GLY A 108 0.92 -6.24 -14.46
N MET A 109 0.54 -4.97 -14.66
CA MET A 109 1.28 -3.86 -14.05
C MET A 109 1.06 -3.81 -12.54
N VAL A 110 -0.10 -4.23 -12.04
CA VAL A 110 -0.35 -4.10 -10.62
C VAL A 110 0.30 -5.20 -9.79
N ILE A 111 0.92 -6.20 -10.43
CA ILE A 111 1.76 -7.16 -9.70
C ILE A 111 2.79 -6.42 -8.86
N ASN A 112 3.59 -5.58 -9.50
CA ASN A 112 4.71 -4.90 -8.85
C ASN A 112 4.35 -3.51 -8.32
N ASN A 113 3.15 -3.03 -8.61
CA ASN A 113 2.78 -1.68 -8.24
C ASN A 113 1.40 -1.68 -7.58
N GLY A 114 1.33 -1.15 -6.36
CA GLY A 114 0.08 -1.14 -5.62
C GLY A 114 -1.05 -0.50 -6.40
N PHE A 115 -0.81 0.67 -6.97
CA PHE A 115 -1.74 1.20 -7.94
C PHE A 115 -0.97 1.98 -8.99
N VAL A 116 -1.54 2.00 -10.18
CA VAL A 116 -0.96 2.65 -11.35
C VAL A 116 -1.89 3.78 -11.73
N CYS A 117 -1.32 4.94 -12.03
CA CYS A 117 -2.11 6.05 -12.53
C CYS A 117 -2.40 5.86 -14.01
N VAL A 118 -3.63 6.17 -14.41
CA VAL A 118 -4.10 5.99 -15.78
C VAL A 118 -4.20 7.35 -16.46
N GLU A 119 -3.76 7.43 -17.71
CA GLU A 119 -3.76 8.67 -18.47
C GLU A 119 -4.38 8.44 -19.83
N ASN A 120 -4.58 9.52 -20.58
CA ASN A 120 -5.01 9.39 -21.96
C ASN A 120 -3.81 9.64 -22.88
N ASP A 121 -4.07 9.80 -24.17
CA ASP A 121 -3.00 9.91 -25.15
C ASP A 121 -2.25 11.23 -25.07
N GLU A 122 -2.72 12.18 -24.27
CA GLU A 122 -2.00 13.43 -24.04
C GLU A 122 -1.45 13.50 -22.63
N GLN A 123 -1.30 12.34 -21.97
CA GLN A 123 -0.76 12.22 -20.63
C GLN A 123 -1.60 12.93 -19.59
N VAL A 124 -2.85 13.26 -19.92
CA VAL A 124 -3.74 13.85 -18.93
C VAL A 124 -4.19 12.78 -17.97
N PHE A 125 -4.11 13.06 -16.67
CA PHE A 125 -4.50 12.10 -15.64
C PHE A 125 -5.99 11.82 -15.71
N GLU A 126 -6.34 10.53 -15.83
CA GLU A 126 -7.75 10.13 -15.91
C GLU A 126 -8.22 9.32 -14.71
N GLY A 127 -7.33 8.66 -13.99
CA GLY A 127 -7.75 7.86 -12.84
C GLY A 127 -6.65 6.91 -12.41
N ILE A 128 -7.03 5.98 -11.55
CA ILE A 128 -6.07 5.03 -11.00
C ILE A 128 -6.62 3.61 -11.16
N PHE A 129 -5.71 2.67 -11.38
CA PHE A 129 -6.00 1.24 -11.54
C PHE A 129 -5.26 0.50 -10.43
N THR A 130 -5.98 -0.22 -9.57
CA THR A 130 -5.39 -0.71 -8.33
C THR A 130 -5.44 -2.24 -8.25
N ARG A 131 -4.55 -2.80 -7.42
CA ARG A 131 -4.64 -4.23 -7.10
C ARG A 131 -6.02 -4.58 -6.59
N ARG A 132 -6.61 -3.70 -5.77
CA ARG A 132 -7.91 -4.03 -5.18
C ARG A 132 -8.98 -4.12 -6.26
N VAL A 133 -8.99 -3.16 -7.19
CA VAL A 133 -9.94 -3.20 -8.31
C VAL A 133 -9.85 -4.54 -9.02
N VAL A 134 -8.63 -4.98 -9.33
CA VAL A 134 -8.46 -6.26 -10.01
C VAL A 134 -8.98 -7.40 -9.14
N LEU A 135 -8.59 -7.41 -7.87
CA LEU A 135 -8.98 -8.51 -6.98
C LEU A 135 -10.49 -8.54 -6.77
N LYS A 136 -11.10 -7.36 -6.60
CA LYS A 136 -12.53 -7.29 -6.36
C LYS A 136 -13.31 -7.84 -7.56
N GLU A 137 -12.84 -7.58 -8.77
N GLU A 137 -12.84 -7.58 -8.78
CA GLU A 137 -13.53 -8.04 -9.97
CA GLU A 137 -13.54 -8.05 -9.97
C GLU A 137 -13.24 -9.51 -10.24
C GLU A 137 -13.24 -9.52 -10.24
N LEU A 138 -11.99 -9.95 -10.03
CA LEU A 138 -11.65 -11.35 -10.26
C LEU A 138 -12.34 -12.26 -9.26
N ASN A 139 -12.33 -11.88 -7.97
CA ASN A 139 -13.00 -12.69 -6.96
C ASN A 139 -14.48 -12.89 -7.29
N LYS A 140 -15.10 -11.90 -7.94
CA LYS A 140 -16.50 -12.04 -8.33
C LYS A 140 -16.68 -13.07 -9.44
N HIS A 141 -15.69 -13.22 -10.32
CA HIS A 141 -15.83 -14.10 -11.48
C HIS A 141 -15.25 -15.48 -11.28
N ILE A 142 -14.26 -15.65 -10.40
CA ILE A 142 -13.81 -17.00 -10.05
C ILE A 142 -14.94 -17.76 -9.37
N ARG A 143 -15.72 -17.06 -8.54
CA ARG A 143 -16.89 -17.67 -7.92
C ARG A 143 -17.88 -18.18 -8.97
N SER A 144 -18.01 -17.48 -10.09
CA SER A 144 -18.93 -17.88 -11.14
C SER A 144 -18.18 -18.48 -12.33
N LEU B 10 -7.43 -22.34 -6.45
CA LEU B 10 -7.88 -23.66 -6.87
C LEU B 10 -7.91 -24.61 -5.69
N GLU B 11 -7.13 -25.70 -5.78
CA GLU B 11 -6.99 -26.65 -4.68
C GLU B 11 -5.82 -26.32 -3.77
N ALA B 12 -5.11 -25.23 -4.02
CA ALA B 12 -3.94 -24.86 -3.25
C ALA B 12 -4.33 -24.23 -1.92
N THR B 13 -3.34 -24.11 -1.04
CA THR B 13 -3.54 -23.55 0.30
C THR B 13 -2.73 -22.27 0.45
N VAL B 14 -3.07 -21.53 1.52
CA VAL B 14 -2.38 -20.28 1.85
C VAL B 14 -0.91 -20.53 2.11
N GLY B 15 -0.59 -21.60 2.86
CA GLY B 15 0.78 -21.87 3.23
C GLY B 15 1.69 -22.11 2.04
N GLN B 16 1.14 -22.65 0.94
CA GLN B 16 1.94 -22.92 -0.24
C GLN B 16 2.38 -21.66 -0.97
N PHE B 17 1.75 -20.52 -0.70
CA PHE B 17 2.09 -19.29 -1.39
C PHE B 17 2.41 -18.12 -0.46
N MET B 18 2.22 -18.29 0.85
CA MET B 18 2.56 -17.20 1.75
C MET B 18 4.07 -16.94 1.75
N ILE B 19 4.42 -15.72 2.14
CA ILE B 19 5.82 -15.38 2.43
C ILE B 19 6.12 -15.79 3.86
N GLU B 20 7.11 -16.67 4.02
CA GLU B 20 7.39 -17.22 5.35
C GLU B 20 7.86 -16.13 6.29
N ALA B 21 7.54 -16.31 7.58
CA ALA B 21 7.71 -15.25 8.56
C ALA B 21 9.16 -14.74 8.63
N ASP B 22 10.13 -15.64 8.45
CA ASP B 22 11.52 -15.21 8.56
C ASP B 22 11.93 -14.29 7.43
N LYS B 23 11.11 -14.16 6.38
CA LYS B 23 11.35 -13.21 5.29
C LYS B 23 10.61 -11.89 5.47
N VAL B 24 9.89 -11.71 6.57
CA VAL B 24 8.97 -10.59 6.77
C VAL B 24 9.55 -9.65 7.81
N ALA B 25 9.54 -8.34 7.52
CA ALA B 25 9.97 -7.35 8.50
C ALA B 25 8.96 -7.26 9.64
N HIS B 26 9.45 -7.03 10.85
CA HIS B 26 8.56 -6.92 12.01
C HIS B 26 9.19 -6.00 13.04
N VAL B 27 8.38 -5.61 14.03
CA VAL B 27 8.90 -4.95 15.21
C VAL B 27 8.35 -5.67 16.43
N GLN B 28 8.81 -5.25 17.62
CA GLN B 28 8.38 -5.88 18.86
C GLN B 28 7.45 -4.97 19.65
N VAL B 29 6.61 -5.59 20.46
CA VAL B 29 5.92 -4.86 21.52
C VAL B 29 6.95 -4.16 22.39
N GLY B 30 6.70 -2.90 22.67
CA GLY B 30 7.61 -2.11 23.47
C GLY B 30 8.49 -1.20 22.65
N ASN B 31 8.74 -1.53 21.37
CA ASN B 31 9.47 -0.62 20.50
C ASN B 31 8.70 0.69 20.31
N ASN B 32 9.42 1.79 20.04
CA ASN B 32 8.76 3.07 19.90
C ASN B 32 8.37 3.33 18.44
N LEU B 33 7.54 4.36 18.23
CA LEU B 33 6.99 4.61 16.90
C LEU B 33 8.06 5.10 15.93
N GLU B 34 9.10 5.78 16.44
CA GLU B 34 10.13 6.24 15.51
C GLU B 34 10.86 5.06 14.91
N HIS B 35 11.15 4.03 15.71
CA HIS B 35 11.78 2.82 15.19
C HIS B 35 10.88 2.12 14.19
N ALA B 36 9.59 1.97 14.53
CA ALA B 36 8.63 1.38 13.61
C ALA B 36 8.59 2.16 12.30
N LEU B 37 8.47 3.48 12.38
CA LEU B 37 8.45 4.30 11.17
C LEU B 37 9.73 4.11 10.35
N LEU B 38 10.88 4.01 11.02
CA LEU B 38 12.14 3.83 10.31
C LEU B 38 12.19 2.48 9.58
N VAL B 39 11.77 1.41 10.25
CA VAL B 39 11.73 0.11 9.59
C VAL B 39 10.79 0.14 8.40
N LEU B 40 9.60 0.72 8.58
CA LEU B 40 8.65 0.84 7.48
C LEU B 40 9.26 1.60 6.31
N THR B 41 9.95 2.70 6.61
CA THR B 41 10.55 3.53 5.57
C THR B 41 11.65 2.79 4.82
N LYS B 42 12.57 2.17 5.56
CA LYS B 42 13.72 1.52 4.92
C LYS B 42 13.30 0.31 4.11
N THR B 43 12.27 -0.40 4.54
CA THR B 43 11.83 -1.62 3.87
C THR B 43 10.80 -1.36 2.78
N GLY B 44 10.17 -0.20 2.77
CA GLY B 44 9.12 0.08 1.82
C GLY B 44 7.75 -0.44 2.19
N TYR B 45 7.62 -1.21 3.27
CA TYR B 45 6.33 -1.68 3.74
C TYR B 45 5.44 -0.51 4.15
N THR B 46 4.12 -0.69 4.00
CA THR B 46 3.19 0.28 4.57
C THR B 46 2.58 -0.20 5.88
N ALA B 47 2.67 -1.49 6.19
CA ALA B 47 2.33 -2.03 7.50
C ALA B 47 3.20 -3.25 7.77
N ILE B 48 3.52 -3.48 9.04
CA ILE B 48 4.35 -4.64 9.41
C ILE B 48 3.81 -5.24 10.70
N PRO B 49 4.01 -6.56 10.87
CA PRO B 49 3.53 -7.21 12.10
C PRO B 49 4.26 -6.72 13.33
N VAL B 50 3.54 -6.71 14.45
CA VAL B 50 4.11 -6.47 15.78
C VAL B 50 4.07 -7.80 16.52
N LEU B 51 5.23 -8.26 16.98
CA LEU B 51 5.41 -9.56 17.64
C LEU B 51 5.89 -9.36 19.07
N ASP B 52 5.76 -10.41 19.86
CA ASP B 52 6.31 -10.40 21.21
C ASP B 52 7.58 -11.27 21.23
N PRO B 53 8.29 -11.37 22.37
CA PRO B 53 9.49 -12.25 22.39
C PRO B 53 9.20 -13.70 22.10
N SER B 54 7.94 -14.15 22.20
CA SER B 54 7.58 -15.52 21.86
C SER B 54 7.20 -15.69 20.39
N TYR B 55 7.47 -14.68 19.56
CA TYR B 55 7.14 -14.68 18.14
C TYR B 55 5.65 -14.74 17.87
N ARG B 56 4.83 -14.39 18.86
CA ARG B 56 3.39 -14.35 18.69
C ARG B 56 2.95 -13.00 18.12
N LEU B 57 1.94 -13.05 17.24
CA LEU B 57 1.43 -11.86 16.56
C LEU B 57 0.48 -11.09 17.47
N HIS B 58 0.78 -9.81 17.69
CA HIS B 58 -0.07 -8.95 18.49
C HIS B 58 -0.86 -7.93 17.66
N GLY B 59 -0.32 -7.47 16.54
CA GLY B 59 -1.08 -6.57 15.68
C GLY B 59 -0.25 -6.14 14.49
N LEU B 60 -0.73 -5.08 13.83
CA LEU B 60 -0.04 -4.44 12.71
C LEU B 60 0.18 -2.96 12.99
N ILE B 61 1.39 -2.48 12.71
CA ILE B 61 1.70 -1.07 12.84
C ILE B 61 1.97 -0.53 11.43
N GLY B 62 1.35 0.59 11.11
CA GLY B 62 1.36 1.09 9.75
C GLY B 62 1.76 2.55 9.69
N THR B 63 2.25 2.94 8.52
CA THR B 63 2.74 4.29 8.32
C THR B 63 1.64 5.32 8.58
N ASN B 64 0.46 5.11 8.00
CA ASN B 64 -0.62 6.08 8.21
C ASN B 64 -1.08 6.10 9.66
N MET B 65 -1.11 4.94 10.32
CA MET B 65 -1.42 4.87 11.74
C MET B 65 -0.52 5.80 12.55
N ILE B 66 0.78 5.72 12.28
CA ILE B 66 1.77 6.51 13.01
C ILE B 66 1.57 8.00 12.72
N MET B 67 1.50 8.36 11.43
N MET B 67 1.45 8.36 11.44
CA MET B 67 1.31 9.76 11.06
CA MET B 67 1.33 9.77 11.08
C MET B 67 0.05 10.34 11.69
C MET B 67 0.04 10.38 11.62
N ASN B 68 -1.05 9.61 11.67
CA ASN B 68 -2.29 10.16 12.20
C ASN B 68 -2.18 10.41 13.72
N SER B 69 -1.34 9.64 14.40
N SER B 69 -1.34 9.65 14.41
CA SER B 69 -1.16 9.82 15.83
CA SER B 69 -1.21 9.85 15.85
C SER B 69 -0.40 11.09 16.18
C SER B 69 -0.41 11.10 16.18
N ILE B 70 0.34 11.66 15.23
CA ILE B 70 1.15 12.85 15.50
C ILE B 70 0.75 14.03 14.62
N PHE B 71 -0.46 14.02 14.08
CA PHE B 71 -0.97 15.12 13.27
C PHE B 71 -1.39 16.25 14.22
N GLY B 72 -0.51 17.25 14.39
CA GLY B 72 -0.67 18.28 15.40
C GLY B 72 -1.23 19.58 14.86
N LEU B 73 -1.00 20.65 15.63
CA LEU B 73 -1.48 22.01 15.30
C LEU B 73 -0.57 22.61 14.23
N GLU B 74 -1.00 22.57 12.96
CA GLU B 74 -0.23 23.13 11.85
C GLU B 74 1.19 22.57 11.77
N ARG B 75 1.38 21.32 12.21
CA ARG B 75 2.68 20.68 12.11
C ARG B 75 2.56 19.23 12.52
N ILE B 76 3.51 18.43 12.05
CA ILE B 76 3.58 17.01 12.33
C ILE B 76 4.53 16.82 13.50
N GLU B 77 4.04 16.19 14.56
CA GLU B 77 4.74 16.21 15.86
C GLU B 77 5.71 15.04 15.93
N PHE B 78 6.75 15.12 15.09
CA PHE B 78 7.72 14.04 15.01
C PHE B 78 8.40 13.76 16.33
N GLU B 79 8.55 14.78 17.19
CA GLU B 79 9.25 14.60 18.45
C GLU B 79 8.52 13.67 19.41
N LYS B 80 7.26 13.35 19.14
CA LYS B 80 6.53 12.42 19.99
C LYS B 80 6.87 10.96 19.67
N LEU B 81 7.44 10.70 18.48
CA LEU B 81 7.55 9.33 17.99
C LEU B 81 8.37 8.44 18.92
N ASP B 82 9.49 8.93 19.44
CA ASP B 82 10.30 8.00 20.22
C ASP B 82 9.81 7.88 21.66
N GLN B 83 8.71 8.54 22.00
CA GLN B 83 8.10 8.48 23.33
C GLN B 83 6.81 7.68 23.36
N ILE B 84 6.34 7.17 22.23
CA ILE B 84 5.10 6.41 22.13
C ILE B 84 5.45 5.00 21.65
N THR B 85 4.87 3.98 22.29
CA THR B 85 5.15 2.60 21.91
C THR B 85 4.16 2.09 20.85
N VAL B 86 4.62 1.10 20.07
CA VAL B 86 3.81 0.57 18.98
C VAL B 86 2.48 0.03 19.49
N GLU B 87 2.45 -0.55 20.69
CA GLU B 87 1.22 -1.15 21.17
C GLU B 87 0.15 -0.11 21.50
N GLU B 88 0.53 1.16 21.66
CA GLU B 88 -0.47 2.21 21.90
C GLU B 88 -1.22 2.59 20.64
N VAL B 89 -0.68 2.27 19.46
CA VAL B 89 -1.21 2.75 18.19
C VAL B 89 -1.53 1.62 17.23
N MET B 90 -0.98 0.41 17.44
CA MET B 90 -1.10 -0.66 16.46
C MET B 90 -2.55 -1.10 16.33
N LEU B 91 -2.84 -1.72 15.19
CA LEU B 91 -4.14 -2.31 14.90
C LEU B 91 -4.16 -3.75 15.40
N THR B 92 -5.06 -4.06 16.34
CA THR B 92 -5.16 -5.43 16.84
C THR B 92 -6.33 -6.20 16.24
N ASP B 93 -7.33 -5.51 15.71
CA ASP B 93 -8.48 -6.17 15.08
C ASP B 93 -8.10 -6.46 13.63
N ILE B 94 -7.33 -7.52 13.44
CA ILE B 94 -6.82 -7.85 12.12
C ILE B 94 -7.30 -9.24 11.72
N PRO B 95 -7.50 -9.50 10.43
CA PRO B 95 -7.82 -10.86 10.01
C PRO B 95 -6.59 -11.75 10.11
N ARG B 96 -6.85 -13.05 10.25
CA ARG B 96 -5.78 -14.02 10.35
C ARG B 96 -6.14 -15.23 9.50
N LEU B 97 -5.11 -15.86 8.94
CA LEU B 97 -5.27 -17.08 8.16
C LEU B 97 -4.47 -18.21 8.80
N HIS B 98 -4.83 -19.44 8.45
CA HIS B 98 -4.07 -20.65 8.78
C HIS B 98 -3.37 -21.19 7.54
N ILE B 99 -2.29 -21.95 7.80
N ILE B 99 -2.30 -21.97 7.77
CA ILE B 99 -1.48 -22.54 6.73
CA ILE B 99 -1.50 -22.47 6.65
C ILE B 99 -2.35 -23.31 5.76
C ILE B 99 -2.30 -23.39 5.74
N ASN B 100 -3.27 -24.12 6.28
CA ASN B 100 -4.05 -25.03 5.46
C ASN B 100 -5.32 -24.40 4.91
N ASP B 101 -5.52 -23.10 5.11
CA ASP B 101 -6.72 -22.46 4.57
C ASP B 101 -6.68 -22.51 3.04
N PRO B 102 -7.82 -22.70 2.40
CA PRO B 102 -7.83 -22.71 0.93
C PRO B 102 -7.44 -21.34 0.38
N ILE B 103 -6.75 -21.34 -0.77
CA ILE B 103 -6.25 -20.08 -1.29
C ILE B 103 -7.40 -19.12 -1.58
N MET B 104 -8.58 -19.65 -1.96
CA MET B 104 -9.72 -18.77 -2.23
C MET B 104 -10.15 -18.03 -0.98
N LYS B 105 -9.93 -18.61 0.20
CA LYS B 105 -10.25 -17.89 1.43
C LYS B 105 -9.27 -16.73 1.64
N GLY B 106 -7.99 -16.95 1.39
CA GLY B 106 -7.03 -15.86 1.47
C GLY B 106 -7.28 -14.80 0.41
N PHE B 107 -7.59 -15.25 -0.82
CA PHE B 107 -8.01 -14.35 -1.89
C PHE B 107 -9.09 -13.37 -1.42
N GLY B 108 -10.14 -13.87 -0.80
CA GLY B 108 -11.19 -12.98 -0.33
C GLY B 108 -10.71 -11.96 0.69
N MET B 109 -9.77 -12.36 1.55
CA MET B 109 -9.32 -11.49 2.63
C MET B 109 -8.36 -10.41 2.17
N VAL B 110 -7.70 -10.56 1.01
CA VAL B 110 -6.76 -9.53 0.56
C VAL B 110 -7.42 -8.56 -0.39
N ILE B 111 -8.72 -8.68 -0.64
CA ILE B 111 -9.43 -7.65 -1.39
C ILE B 111 -9.30 -6.32 -0.65
N ASN B 112 -9.54 -6.34 0.65
CA ASN B 112 -9.52 -5.13 1.48
C ASN B 112 -8.31 -5.01 2.38
N ASN B 113 -7.35 -5.93 2.28
CA ASN B 113 -6.13 -5.86 3.07
C ASN B 113 -4.92 -6.11 2.17
N GLY B 114 -3.93 -5.21 2.24
CA GLY B 114 -2.71 -5.41 1.47
C GLY B 114 -2.09 -6.77 1.71
N PHE B 115 -2.10 -7.24 2.96
CA PHE B 115 -1.71 -8.60 3.26
C PHE B 115 -2.42 -9.03 4.52
N VAL B 116 -2.45 -10.34 4.74
CA VAL B 116 -3.08 -10.94 5.91
C VAL B 116 -2.06 -11.88 6.57
N CYS B 117 -1.95 -11.78 7.90
CA CYS B 117 -0.97 -12.60 8.61
C CYS B 117 -1.47 -14.03 8.77
N VAL B 118 -0.54 -14.97 8.66
CA VAL B 118 -0.81 -16.39 8.90
C VAL B 118 -0.22 -16.76 10.25
N GLU B 119 -0.97 -17.53 11.05
CA GLU B 119 -0.51 -17.89 12.37
C GLU B 119 -1.04 -19.27 12.72
N ASN B 120 -0.40 -19.92 13.69
CA ASN B 120 -0.87 -21.23 14.14
C ASN B 120 -1.77 -21.05 15.38
N ASP B 121 -2.13 -22.17 16.01
CA ASP B 121 -3.08 -22.11 17.11
C ASP B 121 -2.53 -21.38 18.33
N GLU B 122 -1.21 -21.30 18.48
CA GLU B 122 -0.58 -20.58 19.57
C GLU B 122 -0.43 -19.10 19.28
N GLN B 123 -1.01 -18.62 18.18
CA GLN B 123 -0.82 -17.26 17.68
C GLN B 123 0.64 -16.98 17.28
N VAL B 124 1.44 -18.03 17.12
CA VAL B 124 2.80 -17.87 16.62
C VAL B 124 2.76 -17.46 15.15
N PHE B 125 3.48 -16.39 14.82
CA PHE B 125 3.47 -15.82 13.49
C PHE B 125 4.19 -16.73 12.50
N GLU B 126 3.54 -17.03 11.37
CA GLU B 126 4.09 -17.97 10.42
C GLU B 126 4.41 -17.37 9.05
N GLY B 127 3.80 -16.24 8.70
CA GLY B 127 4.08 -15.60 7.44
C GLY B 127 2.92 -14.69 7.06
N ILE B 128 3.02 -14.12 5.85
CA ILE B 128 1.96 -13.24 5.38
C ILE B 128 1.50 -13.67 3.99
N PHE B 129 0.23 -13.42 3.73
CA PHE B 129 -0.41 -13.76 2.47
C PHE B 129 -0.78 -12.44 1.80
N THR B 130 -0.16 -12.14 0.66
CA THR B 130 -0.15 -10.80 0.11
C THR B 130 -0.95 -10.72 -1.19
N ARG B 131 -1.44 -9.51 -1.48
CA ARG B 131 -2.12 -9.25 -2.75
C ARG B 131 -1.25 -9.64 -3.93
N ARG B 132 0.05 -9.34 -3.85
CA ARG B 132 0.94 -9.58 -4.97
C ARG B 132 1.02 -11.06 -5.32
N VAL B 133 1.11 -11.94 -4.31
N VAL B 133 1.14 -11.93 -4.31
CA VAL B 133 1.26 -13.37 -4.62
CA VAL B 133 1.25 -13.36 -4.59
C VAL B 133 -0.04 -13.94 -5.17
C VAL B 133 -0.03 -13.88 -5.24
N VAL B 134 -1.19 -13.41 -4.76
CA VAL B 134 -2.46 -13.84 -5.33
C VAL B 134 -2.54 -13.45 -6.79
N LEU B 135 -2.18 -12.19 -7.09
CA LEU B 135 -2.25 -11.71 -8.46
C LEU B 135 -1.27 -12.46 -9.35
N LYS B 136 -0.09 -12.78 -8.80
CA LYS B 136 0.92 -13.49 -9.59
C LYS B 136 0.42 -14.85 -10.02
N GLU B 137 -0.31 -15.54 -9.13
CA GLU B 137 -0.86 -16.85 -9.46
C GLU B 137 -2.10 -16.74 -10.34
N LEU B 138 -2.96 -15.74 -10.07
CA LEU B 138 -4.13 -15.53 -10.91
C LEU B 138 -3.73 -15.23 -12.36
N ASN B 139 -2.54 -14.67 -12.56
CA ASN B 139 -2.05 -14.43 -13.90
C ASN B 139 -1.92 -15.73 -14.70
N LYS B 140 -1.41 -16.78 -14.05
CA LYS B 140 -1.20 -18.04 -14.75
C LYS B 140 -2.47 -18.86 -14.86
N HIS B 141 -3.36 -18.78 -13.86
CA HIS B 141 -4.61 -19.52 -13.92
C HIS B 141 -5.48 -19.05 -15.09
N ILE B 142 -5.46 -17.77 -15.39
CA ILE B 142 -6.30 -17.24 -16.45
C ILE B 142 -5.52 -17.13 -17.75
C ACT C . -4.42 3.24 -1.96
O ACT C . -5.37 3.69 -2.67
OXT ACT C . -3.92 3.73 -0.90
CH3 ACT C . -3.78 1.90 -2.47
C1 PEG D . 5.58 -7.17 1.73
O1 PEG D . 5.90 -8.40 1.12
C2 PEG D . 4.29 -6.60 1.21
O2 PEG D . 4.05 -5.33 1.81
C3 PEG D . 2.83 -4.74 1.41
C4 PEG D . 2.72 -3.37 1.99
O4 PEG D . 2.87 -3.36 3.39
#